data_5WAS
#
_entry.id   5WAS
#
_cell.length_a   46.227
_cell.length_b   46.227
_cell.length_c   267.295
_cell.angle_alpha   90.00
_cell.angle_beta   90.00
_cell.angle_gamma   90.00
#
_symmetry.space_group_name_H-M   'P 41 21 2'
#
loop_
_entity.id
_entity.type
_entity.pdbx_description
1 polymer 'Homoserine kinase'
2 polymer 'Homoserine kinase'
3 polymer 'Homoserine kinase'
4 non-polymer 'PHOSPHATE ION'
5 water water
#
loop_
_entity_poly.entity_id
_entity_poly.type
_entity_poly.pdbx_seq_one_letter_code
_entity_poly.pdbx_strand_id
1 'polypeptide(L)'
;MAIELNVGRKVTVTVPGSSANLGPGFDTLGLALSVYDTVEVEIIPSGLEVEVFGEGQGEVPLDGSHLVVKAIRAGLKAAD
AEVPGLRVVCHNNIPQSRGLGSSAAAAVAGVAAANGLADFPLTQEQIVQLSSAFEGHPDNAAASVLGGAVVSWTNLSIDG
KSQPQYAAVPLEVQDNIRATALVPN
;
A
2 'polypeptide(L)' FHASTEAVRRVLPTEVTHIDARFNVSRVAVMIVALQQRPDLLWEGTRDRLHQPYR B
3 'polypeptide(L)' AEVLPLTSEWVNRLRNRGYAAYLSGAGPTAMVLSTEPIPDKVLEDARESGIKVLELEVAGPVKVEVNQPHHHHHH C
#
loop_
_chem_comp.id
_chem_comp.type
_chem_comp.name
_chem_comp.formula
PO4 non-polymer 'PHOSPHATE ION' 'O4 P -3'
#
# COMPACT_ATOMS: atom_id res chain seq x y z
N ASN A 6 24.79 12.43 16.74
CA ASN A 6 23.86 11.38 16.35
C ASN A 6 24.52 10.01 16.18
N VAL A 7 24.75 9.32 17.30
CA VAL A 7 25.23 7.92 17.31
C VAL A 7 24.50 7.16 18.43
N GLY A 8 23.86 6.04 18.11
CA GLY A 8 23.02 5.34 19.07
C GLY A 8 21.55 5.71 18.98
N ARG A 9 21.25 6.77 18.25
CA ARG A 9 19.86 7.13 18.02
C ARG A 9 19.18 5.99 17.27
N LYS A 10 17.98 5.64 17.71
CA LYS A 10 17.25 4.51 17.15
C LYS A 10 15.77 4.83 16.98
N VAL A 11 15.25 4.62 15.77
CA VAL A 11 13.82 4.74 15.55
C VAL A 11 13.20 3.41 15.17
N THR A 12 11.90 3.30 15.38
CA THR A 12 11.15 2.09 15.02
C THR A 12 9.91 2.48 14.22
N VAL A 13 9.83 1.97 13.00
CA VAL A 13 8.75 2.36 12.07
C VAL A 13 7.82 1.18 11.79
N THR A 14 6.51 1.44 11.82
CA THR A 14 5.53 0.41 11.57
C THR A 14 4.67 0.93 10.42
N VAL A 15 4.62 0.18 9.33
CA VAL A 15 3.99 0.67 8.08
C VAL A 15 2.97 -0.33 7.58
N PRO A 16 1.78 0.17 7.26
CA PRO A 16 0.73 -0.71 6.76
C PRO A 16 0.93 -1.06 5.30
N GLY A 17 0.49 -2.24 4.91
CA GLY A 17 0.34 -2.57 3.51
C GLY A 17 -0.82 -1.78 2.96
N SER A 18 -1.07 -1.90 1.66
CA SER A 18 -2.20 -1.21 1.05
C SER A 18 -2.71 -1.96 -0.18
N SER A 19 -3.92 -1.59 -0.59
CA SER A 19 -4.56 -2.26 -1.71
C SER A 19 -5.18 -1.21 -2.62
N ALA A 20 -4.84 -1.27 -3.91
CA ALA A 20 -5.46 -0.37 -4.88
C ALA A 20 -6.15 -1.15 -6.00
N ASN A 21 -7.41 -0.81 -6.29
CA ASN A 21 -8.09 -1.39 -7.46
C ASN A 21 -7.61 -0.66 -8.70
N LEU A 22 -6.77 -1.32 -9.49
CA LEU A 22 -6.20 -0.68 -10.68
C LEU A 22 -7.21 -0.61 -11.82
N GLY A 23 -7.19 0.49 -12.56
CA GLY A 23 -8.12 0.69 -13.66
C GLY A 23 -7.63 1.72 -14.66
N PRO A 24 -8.48 2.07 -15.63
CA PRO A 24 -8.19 3.06 -16.66
C PRO A 24 -8.28 4.51 -16.17
N GLY A 25 -8.77 4.70 -14.95
CA GLY A 25 -8.98 6.04 -14.42
C GLY A 25 -7.70 6.79 -14.12
N PHE A 26 -7.75 8.11 -14.25
CA PHE A 26 -6.61 8.99 -13.96
C PHE A 26 -6.29 9.02 -12.47
N ASP A 27 -7.34 8.90 -11.67
CA ASP A 27 -7.24 8.96 -10.23
C ASP A 27 -7.37 7.55 -9.66
N THR A 28 -6.53 7.22 -8.69
CA THR A 28 -6.52 5.87 -8.16
C THR A 28 -6.78 5.90 -6.66
N LEU A 29 -7.58 4.97 -6.17
CA LEU A 29 -7.83 4.88 -4.73
C LEU A 29 -6.96 3.77 -4.11
N GLY A 30 -6.24 4.09 -3.04
CA GLY A 30 -5.51 3.05 -2.33
C GLY A 30 -6.04 2.96 -0.92
N LEU A 31 -6.15 1.75 -0.38
CA LEU A 31 -6.66 1.55 0.99
C LEU A 31 -5.61 0.94 1.88
N ALA A 32 -5.27 1.62 2.97
CA ALA A 32 -4.25 1.06 3.89
C ALA A 32 -4.87 -0.03 4.75
N LEU A 33 -4.14 -1.13 4.90
CA LEU A 33 -4.69 -2.33 5.53
C LEU A 33 -3.86 -2.76 6.71
N SER A 34 -4.49 -3.47 7.65
CA SER A 34 -3.89 -3.75 8.95
C SER A 34 -2.96 -4.95 8.93
N VAL A 35 -2.04 -4.97 7.97
CA VAL A 35 -0.95 -5.93 7.94
C VAL A 35 0.32 -5.11 7.80
N TYR A 36 1.32 -5.37 8.66
CA TYR A 36 2.37 -4.38 8.82
C TYR A 36 3.78 -4.90 8.58
N ASP A 37 4.64 -4.04 8.08
CA ASP A 37 6.07 -4.29 8.14
C ASP A 37 6.63 -3.38 9.22
N THR A 38 7.69 -3.85 9.89
CA THR A 38 8.36 -3.06 10.92
C THR A 38 9.84 -2.92 10.60
N VAL A 39 10.34 -1.69 10.66
CA VAL A 39 11.76 -1.45 10.44
C VAL A 39 12.36 -0.75 11.65
N GLU A 40 13.39 -1.37 12.21
CA GLU A 40 14.15 -0.77 13.30
C GLU A 40 15.48 -0.29 12.76
N VAL A 41 15.79 0.96 13.00
CA VAL A 41 16.98 1.59 12.47
C VAL A 41 17.74 2.25 13.60
N GLU A 42 18.90 1.71 13.94
CA GLU A 42 19.79 2.38 14.88
C GLU A 42 21.04 2.92 14.20
N ILE A 43 21.47 4.09 14.63
CA ILE A 43 22.69 4.68 14.12
C ILE A 43 23.88 4.02 14.85
N ILE A 44 24.66 3.23 14.11
CA ILE A 44 25.82 2.55 14.68
C ILE A 44 27.11 3.35 14.42
N PRO A 45 28.20 3.01 15.16
CA PRO A 45 29.51 3.64 14.95
C PRO A 45 29.89 3.80 13.48
N SER A 46 29.80 2.74 12.67
CA SER A 46 29.81 2.87 11.21
C SER A 46 29.57 1.56 10.46
N GLY A 47 29.68 1.63 9.14
CA GLY A 47 29.38 0.50 8.28
C GLY A 47 27.90 0.51 7.91
N LEU A 48 27.38 -0.66 7.58
CA LEU A 48 25.96 -0.87 7.33
C LEU A 48 25.62 -2.32 7.65
N GLU A 49 24.76 -2.52 8.64
CA GLU A 49 24.30 -3.87 8.98
C GLU A 49 22.83 -4.02 8.62
N VAL A 50 22.51 -5.07 7.86
CA VAL A 50 21.14 -5.28 7.41
C VAL A 50 20.63 -6.69 7.77
N GLU A 51 19.46 -6.74 8.39
CA GLU A 51 18.77 -7.99 8.66
C GLU A 51 17.31 -7.93 8.17
N VAL A 52 16.81 -9.02 7.57
CA VAL A 52 15.42 -9.14 7.11
C VAL A 52 14.78 -10.45 7.60
N PHE A 53 13.80 -10.35 8.49
CA PHE A 53 13.09 -11.53 8.97
C PHE A 53 11.62 -11.49 8.54
N GLY A 54 10.99 -12.66 8.44
CA GLY A 54 9.60 -12.76 8.01
C GLY A 54 9.53 -12.92 6.50
N GLU A 55 8.69 -12.12 5.87
CA GLU A 55 8.59 -12.15 4.41
C GLU A 55 9.88 -11.61 3.77
N GLY A 56 10.44 -12.41 2.88
CA GLY A 56 11.66 -12.04 2.18
C GLY A 56 12.91 -12.59 2.85
N GLN A 57 12.71 -13.29 3.97
CA GLN A 57 13.82 -13.81 4.77
C GLN A 57 14.66 -14.83 4.00
N GLY A 58 15.96 -14.56 3.89
CA GLY A 58 16.86 -15.41 3.14
C GLY A 58 16.79 -15.17 1.64
N GLU A 59 15.71 -14.51 1.20
CA GLU A 59 15.44 -14.28 -0.22
C GLU A 59 16.15 -13.03 -0.76
N VAL A 60 16.55 -12.12 0.14
CA VAL A 60 17.05 -10.82 -0.28
C VAL A 60 18.50 -10.59 0.16
N PRO A 61 19.32 -10.05 -0.76
CA PRO A 61 20.67 -9.56 -0.39
C PRO A 61 20.58 -8.55 0.76
N LEU A 62 21.59 -8.50 1.61
CA LEU A 62 21.52 -7.70 2.83
C LEU A 62 22.61 -6.65 2.89
N ASP A 63 22.40 -5.53 2.20
CA ASP A 63 23.38 -4.46 2.10
C ASP A 63 22.73 -3.19 1.55
N GLY A 64 23.55 -2.29 1.01
CA GLY A 64 23.07 -1.02 0.48
C GLY A 64 22.23 -1.20 -0.77
N SER A 65 22.06 -2.44 -1.19
CA SER A 65 21.20 -2.78 -2.32
C SER A 65 19.74 -2.88 -1.90
N HIS A 66 19.50 -3.10 -0.61
CA HIS A 66 18.17 -3.38 -0.11
C HIS A 66 17.27 -2.14 -0.19
N LEU A 67 16.03 -2.33 -0.65
CA LEU A 67 15.14 -1.21 -0.90
C LEU A 67 15.01 -0.27 0.31
N VAL A 68 14.87 -0.85 1.49
CA VAL A 68 14.70 -0.06 2.71
C VAL A 68 15.92 0.81 3.00
N VAL A 69 17.11 0.24 2.86
CA VAL A 69 18.32 1.00 3.09
C VAL A 69 18.42 2.16 2.10
N LYS A 70 18.11 1.87 0.84
CA LYS A 70 18.11 2.89 -0.21
C LYS A 70 17.15 4.02 0.14
N ALA A 71 16.02 3.64 0.72
CA ALA A 71 14.99 4.61 1.07
C ALA A 71 15.47 5.50 2.21
N ILE A 72 16.12 4.88 3.19
CA ILE A 72 16.70 5.65 4.30
C ILE A 72 17.71 6.66 3.79
N ARG A 73 18.58 6.25 2.87
CA ARG A 73 19.63 7.16 2.42
C ARG A 73 19.05 8.28 1.59
N ALA A 74 17.97 7.98 0.87
CA ALA A 74 17.24 9.01 0.14
C ALA A 74 16.53 9.95 1.10
N GLY A 75 16.01 9.39 2.19
CA GLY A 75 15.30 10.18 3.19
C GLY A 75 16.22 11.08 3.99
N LEU A 76 17.38 10.54 4.37
CA LEU A 76 18.40 11.32 5.08
C LEU A 76 18.88 12.50 4.25
N LYS A 77 18.96 12.29 2.94
CA LYS A 77 19.36 13.34 2.02
C LYS A 77 18.27 14.40 1.93
N ALA A 78 17.02 13.95 1.86
CA ALA A 78 15.89 14.87 1.81
C ALA A 78 15.83 15.64 3.11
N ALA A 79 16.10 14.96 4.22
CA ALA A 79 16.10 15.62 5.51
C ALA A 79 17.33 16.48 5.68
N ASP A 80 18.19 16.47 4.66
CA ASP A 80 19.49 17.12 4.70
C ASP A 80 20.23 16.73 5.97
N ALA A 81 20.51 15.44 6.08
CA ALA A 81 21.24 14.90 7.23
C ALA A 81 22.19 13.81 6.77
N GLU A 82 23.04 13.37 7.69
CA GLU A 82 24.08 12.37 7.43
C GLU A 82 24.28 11.48 8.65
N VAL A 83 24.57 10.19 8.42
CA VAL A 83 24.87 9.25 9.49
C VAL A 83 26.25 8.61 9.26
N PRO A 84 26.89 8.15 10.33
CA PRO A 84 28.16 7.43 10.15
C PRO A 84 27.95 5.99 9.71
N GLY A 85 26.82 5.39 10.09
CA GLY A 85 26.53 4.01 9.79
C GLY A 85 25.17 3.58 10.32
N LEU A 86 24.60 2.54 9.73
CA LEU A 86 23.25 2.12 10.09
C LEU A 86 23.17 0.63 10.40
N ARG A 87 22.43 0.30 11.45
CA ARG A 87 21.93 -1.05 11.61
C ARG A 87 20.42 -1.08 11.25
N VAL A 88 20.10 -1.77 10.16
CA VAL A 88 18.72 -1.83 9.69
C VAL A 88 18.16 -3.23 9.87
N VAL A 89 17.19 -3.37 10.76
CA VAL A 89 16.53 -4.64 10.99
C VAL A 89 15.08 -4.58 10.53
N CYS A 90 14.72 -5.44 9.58
CA CYS A 90 13.33 -5.49 9.09
C CYS A 90 12.64 -6.77 9.50
N HIS A 91 11.44 -6.62 10.05
CA HIS A 91 10.51 -7.73 10.27
C HIS A 91 9.26 -7.59 9.40
N ASN A 92 9.17 -8.37 8.32
CA ASN A 92 8.06 -8.21 7.35
C ASN A 92 6.90 -9.19 7.52
N ASN A 93 5.69 -8.65 7.60
CA ASN A 93 4.48 -9.45 7.70
C ASN A 93 3.57 -9.25 6.47
N ILE A 94 3.88 -8.25 5.64
CA ILE A 94 3.11 -8.00 4.41
C ILE A 94 3.58 -8.92 3.30
N PRO A 95 2.71 -9.81 2.81
CA PRO A 95 3.09 -10.70 1.69
C PRO A 95 3.69 -9.94 0.50
N GLN A 96 4.76 -10.48 -0.09
CA GLN A 96 5.45 -9.76 -1.16
C GLN A 96 4.96 -10.23 -2.52
N SER A 97 5.00 -9.33 -3.51
CA SER A 97 4.50 -9.58 -4.86
C SER A 97 3.12 -10.21 -4.86
N ARG A 98 2.22 -9.65 -4.08
CA ARG A 98 0.87 -10.18 -4.01
C ARG A 98 -0.16 -9.09 -4.23
N GLY A 99 0.30 -7.90 -4.59
CA GLY A 99 -0.61 -6.78 -4.80
C GLY A 99 -0.97 -6.08 -3.50
N LEU A 100 -0.20 -6.32 -2.44
CA LEU A 100 -0.54 -5.71 -1.16
C LEU A 100 0.39 -4.56 -0.76
N GLY A 101 1.11 -4.01 -1.74
CA GLY A 101 1.84 -2.78 -1.53
C GLY A 101 3.10 -2.91 -0.68
N SER A 102 3.75 -4.06 -0.79
CA SER A 102 4.90 -4.37 0.06
C SER A 102 6.10 -3.48 -0.24
N SER A 103 6.41 -3.34 -1.53
CA SER A 103 7.52 -2.50 -1.97
C SER A 103 7.27 -1.04 -1.63
N ALA A 104 6.04 -0.58 -1.85
CA ALA A 104 5.69 0.77 -1.48
C ALA A 104 5.90 0.98 0.03
N ALA A 105 5.49 -0.01 0.82
CA ALA A 105 5.54 0.11 2.28
C ALA A 105 7.01 0.21 2.69
N ALA A 106 7.83 -0.56 2.01
CA ALA A 106 9.27 -0.55 2.30
C ALA A 106 9.87 0.84 2.09
N ALA A 107 9.57 1.46 0.94
CA ALA A 107 10.07 2.79 0.61
C ALA A 107 9.60 3.82 1.62
N VAL A 108 8.31 3.75 1.95
CA VAL A 108 7.72 4.63 2.93
C VAL A 108 8.40 4.47 4.29
N ALA A 109 8.57 3.23 4.71
CA ALA A 109 9.19 2.95 6.00
C ALA A 109 10.60 3.53 6.05
N GLY A 110 11.33 3.45 4.93
CA GLY A 110 12.68 3.96 4.87
C GLY A 110 12.77 5.47 5.00
N VAL A 111 11.94 6.17 4.24
CA VAL A 111 11.90 7.64 4.35
C VAL A 111 11.42 8.06 5.73
N ALA A 112 10.33 7.45 6.21
CA ALA A 112 9.80 7.76 7.53
C ALA A 112 10.86 7.55 8.60
N ALA A 113 11.64 6.48 8.46
CA ALA A 113 12.71 6.18 9.42
C ALA A 113 13.76 7.28 9.43
N ALA A 114 14.15 7.72 8.24
CA ALA A 114 15.16 8.76 8.10
C ALA A 114 14.65 10.05 8.70
N ASN A 115 13.38 10.35 8.40
CA ASN A 115 12.72 11.52 8.94
C ASN A 115 12.75 11.54 10.46
N GLY A 116 12.52 10.38 11.06
CA GLY A 116 12.54 10.23 12.51
C GLY A 116 13.94 10.38 13.10
N LEU A 117 14.94 9.85 12.39
CA LEU A 117 16.33 9.99 12.83
C LEU A 117 16.74 11.46 12.88
N ALA A 118 16.27 12.22 11.88
CA ALA A 118 16.66 13.60 11.71
C ALA A 118 15.73 14.58 12.43
N ASP A 119 14.90 14.05 13.32
CA ASP A 119 13.96 14.83 14.13
C ASP A 119 12.87 15.51 13.30
N PHE A 120 12.32 14.75 12.34
CA PHE A 120 11.08 15.08 11.62
C PHE A 120 11.03 16.43 10.87
N PRO A 121 11.98 16.69 9.97
CA PRO A 121 11.91 17.94 9.20
C PRO A 121 11.01 17.86 7.95
N LEU A 122 10.65 16.66 7.53
CA LEU A 122 9.92 16.49 6.27
C LEU A 122 8.41 16.57 6.46
N THR A 123 7.74 17.21 5.50
CA THR A 123 6.29 17.29 5.51
C THR A 123 5.70 16.00 5.00
N GLN A 124 4.41 15.82 5.26
CA GLN A 124 3.71 14.64 4.82
C GLN A 124 3.74 14.52 3.30
N GLU A 125 3.51 15.63 2.60
CA GLU A 125 3.56 15.62 1.14
C GLU A 125 4.96 15.29 0.66
N GLN A 126 5.96 15.84 1.34
CA GLN A 126 7.35 15.52 1.02
C GLN A 126 7.61 14.02 1.07
N ILE A 127 7.10 13.35 2.10
CA ILE A 127 7.29 11.91 2.23
C ILE A 127 6.49 11.17 1.16
N VAL A 128 5.26 11.61 0.88
CA VAL A 128 4.52 11.02 -0.24
C VAL A 128 5.29 11.19 -1.56
N GLN A 129 5.83 12.38 -1.79
CA GLN A 129 6.49 12.66 -3.06
C GLN A 129 7.74 11.78 -3.22
N LEU A 130 8.49 11.63 -2.13
CA LEU A 130 9.76 10.90 -2.19
C LEU A 130 9.54 9.38 -2.30
N SER A 131 8.68 8.83 -1.45
CA SER A 131 8.35 7.41 -1.51
C SER A 131 7.71 6.99 -2.82
N SER A 132 6.81 7.83 -3.37
CA SER A 132 6.19 7.51 -4.65
C SER A 132 7.21 7.46 -5.78
N ALA A 133 8.26 8.28 -5.68
CA ALA A 133 9.24 8.37 -6.76
C ALA A 133 10.02 7.05 -6.90
N PHE A 134 10.10 6.28 -5.83
CA PHE A 134 10.76 4.97 -5.87
C PHE A 134 10.04 4.01 -6.80
N GLU A 135 8.71 4.04 -6.79
CA GLU A 135 7.94 3.21 -7.69
C GLU A 135 7.53 3.98 -8.95
N GLY A 136 7.50 5.30 -8.87
CA GLY A 136 7.12 6.09 -10.02
C GLY A 136 5.63 6.38 -10.02
N HIS A 137 4.94 5.91 -8.98
CA HIS A 137 3.51 6.17 -8.84
C HIS A 137 3.12 6.17 -7.37
N PRO A 138 2.05 6.90 -7.02
CA PRO A 138 1.72 7.13 -5.62
C PRO A 138 0.68 6.16 -5.07
N ASP A 139 0.19 5.23 -5.90
CA ASP A 139 -1.01 4.41 -5.61
C ASP A 139 -1.00 3.76 -4.23
N ASN A 140 0.05 3.01 -3.95
CA ASN A 140 0.21 2.35 -2.66
C ASN A 140 0.94 3.22 -1.66
N ALA A 141 1.98 3.92 -2.08
CA ALA A 141 2.78 4.72 -1.18
C ALA A 141 2.00 5.77 -0.42
N ALA A 142 1.10 6.48 -1.11
CA ALA A 142 0.28 7.49 -0.46
C ALA A 142 -0.60 6.88 0.62
N ALA A 143 -1.10 5.67 0.38
CA ALA A 143 -1.94 4.98 1.35
C ALA A 143 -1.14 4.55 2.57
N SER A 144 0.11 4.17 2.35
CA SER A 144 0.96 3.76 3.46
C SER A 144 1.37 4.96 4.32
N VAL A 145 1.64 6.09 3.68
CA VAL A 145 1.96 7.31 4.41
C VAL A 145 0.77 7.86 5.21
N LEU A 146 -0.36 8.10 4.53
CA LEU A 146 -1.48 8.79 5.15
C LEU A 146 -2.41 7.90 5.99
N GLY A 147 -2.47 6.62 5.67
CA GLY A 147 -3.43 5.73 6.31
C GLY A 147 -4.80 5.87 5.68
N GLY A 148 -5.73 5.02 6.09
CA GLY A 148 -7.10 5.08 5.62
C GLY A 148 -7.20 4.88 4.12
N ALA A 149 -8.16 5.59 3.51
CA ALA A 149 -8.34 5.56 2.07
C ALA A 149 -7.77 6.85 1.48
N VAL A 150 -7.03 6.74 0.38
CA VAL A 150 -6.45 7.95 -0.23
C VAL A 150 -6.79 7.94 -1.71
N VAL A 151 -7.00 9.12 -2.27
CA VAL A 151 -7.05 9.26 -3.71
C VAL A 151 -5.78 9.95 -4.17
N SER A 152 -5.07 9.35 -5.12
CA SER A 152 -3.83 9.91 -5.62
C SER A 152 -3.80 10.03 -7.14
N TRP A 153 -2.91 10.88 -7.63
CA TRP A 153 -2.76 11.07 -9.08
C TRP A 153 -1.42 11.71 -9.32
N THR A 154 -1.04 11.75 -10.59
CA THR A 154 0.27 12.25 -10.98
C THR A 154 0.10 13.39 -11.96
N ASN A 155 0.55 14.59 -11.57
CA ASN A 155 0.60 15.74 -12.45
C ASN A 155 1.95 15.78 -13.15
N LEU A 156 1.92 15.79 -14.49
CA LEU A 156 3.15 15.98 -15.25
C LEU A 156 3.34 17.47 -15.48
N SER A 157 3.85 18.14 -14.45
CA SER A 157 3.88 19.59 -14.41
C SER A 157 5.21 20.14 -13.92
N ILE A 158 6.13 20.36 -14.86
CA ILE A 158 7.40 20.99 -14.53
C ILE A 158 7.75 22.06 -15.55
N ASP A 159 9.04 22.24 -15.82
CA ASP A 159 9.45 23.34 -16.67
C ASP A 159 10.44 23.06 -17.83
N GLY A 160 11.51 22.23 -17.73
CA GLY A 160 11.93 21.23 -16.73
C GLY A 160 11.01 20.00 -16.65
N LYS A 161 10.11 19.88 -17.62
CA LYS A 161 9.27 18.70 -17.79
C LYS A 161 10.12 17.42 -17.90
N SER A 162 9.57 16.25 -17.57
CA SER A 162 8.21 16.08 -17.07
C SER A 162 8.12 16.35 -15.58
N GLN A 163 9.01 15.72 -14.83
CA GLN A 163 9.05 15.79 -13.36
C GLN A 163 7.66 15.58 -12.77
N PRO A 164 7.28 14.31 -12.59
CA PRO A 164 6.00 13.94 -12.01
C PRO A 164 5.81 14.50 -10.61
N GLN A 165 4.67 15.16 -10.38
CA GLN A 165 4.35 15.66 -9.06
C GLN A 165 3.21 14.82 -8.52
N TYR A 166 3.46 14.08 -7.44
CA TYR A 166 2.45 13.20 -6.89
C TYR A 166 1.60 13.91 -5.85
N ALA A 167 0.28 13.80 -5.97
CA ALA A 167 -0.61 14.37 -4.98
C ALA A 167 -1.50 13.29 -4.39
N ALA A 168 -1.92 13.48 -3.14
CA ALA A 168 -2.79 12.50 -2.49
C ALA A 168 -3.66 13.19 -1.47
N VAL A 169 -4.93 12.78 -1.41
CA VAL A 169 -5.86 13.34 -0.45
C VAL A 169 -6.52 12.24 0.35
N PRO A 170 -6.60 12.42 1.67
CA PRO A 170 -7.22 11.43 2.56
C PRO A 170 -8.75 11.46 2.57
N LEU A 171 -9.36 10.28 2.44
CA LEU A 171 -10.78 10.12 2.72
C LEU A 171 -10.94 9.51 4.11
N GLU A 172 -12.07 9.77 4.75
CA GLU A 172 -12.38 9.07 5.99
C GLU A 172 -13.36 7.94 5.70
N VAL A 173 -13.00 6.74 6.14
CA VAL A 173 -13.79 5.53 5.88
C VAL A 173 -14.73 5.26 7.06
N GLN A 174 -15.93 4.74 6.79
CA GLN A 174 -16.83 4.31 7.86
C GLN A 174 -16.15 3.26 8.74
N ASP A 175 -16.47 3.29 10.04
CA ASP A 175 -15.84 2.42 11.03
C ASP A 175 -16.08 0.93 10.79
N ASN A 176 -17.15 0.58 10.11
CA ASN A 176 -17.54 -0.82 10.01
C ASN A 176 -17.04 -1.53 8.76
N ILE A 177 -16.25 -0.85 7.95
CA ILE A 177 -15.81 -1.42 6.69
C ILE A 177 -14.57 -2.32 6.90
N ARG A 178 -14.66 -3.53 6.38
CA ARG A 178 -13.70 -4.60 6.62
C ARG A 178 -13.11 -5.13 5.31
N ALA A 179 -11.85 -5.53 5.35
CA ALA A 179 -11.20 -6.04 4.17
C ALA A 179 -10.76 -7.49 4.39
N THR A 180 -11.04 -8.34 3.41
CA THR A 180 -10.60 -9.72 3.46
C THR A 180 -9.80 -10.02 2.20
N ALA A 181 -8.54 -10.40 2.40
CA ALA A 181 -7.66 -10.69 1.29
C ALA A 181 -7.55 -12.18 1.06
N LEU A 182 -7.73 -12.61 -0.18
CA LEU A 182 -7.50 -13.98 -0.55
C LEU A 182 -6.15 -14.04 -1.25
N VAL A 183 -5.13 -14.44 -0.50
CA VAL A 183 -3.75 -14.42 -0.98
C VAL A 183 -3.29 -15.81 -1.39
N PRO A 184 -3.10 -16.02 -2.70
CA PRO A 184 -2.65 -17.29 -3.26
C PRO A 184 -1.19 -17.57 -2.93
N ASN A 185 -0.84 -18.85 -2.82
CA ASN A 185 0.54 -19.26 -2.61
C ASN A 185 1.36 -19.14 -3.88
N ILE B 19 -15.35 5.84 -30.99
CA ILE B 19 -15.78 7.01 -30.24
C ILE B 19 -15.56 7.12 -28.69
N ASP B 20 -15.32 6.07 -27.87
CA ASP B 20 -15.25 4.66 -28.27
CA ASP B 20 -15.25 4.66 -28.26
C ASP B 20 -15.87 3.78 -27.19
N ALA B 21 -16.60 2.75 -27.60
CA ALA B 21 -17.25 1.85 -26.66
C ALA B 21 -16.24 1.04 -25.85
N ARG B 22 -16.60 0.71 -24.61
CA ARG B 22 -15.72 -0.08 -23.74
C ARG B 22 -16.48 -0.80 -22.64
N PHE B 23 -15.82 -1.80 -22.06
CA PHE B 23 -16.42 -2.62 -21.00
C PHE B 23 -15.76 -2.33 -19.66
N ASN B 24 -14.50 -1.92 -19.70
CA ASN B 24 -13.77 -1.59 -18.49
C ASN B 24 -13.84 -0.11 -18.18
N VAL B 25 -14.44 0.23 -17.05
CA VAL B 25 -14.56 1.62 -16.63
C VAL B 25 -14.06 1.81 -15.21
N SER B 26 -13.65 3.03 -14.88
CA SER B 26 -13.26 3.34 -13.52
C SER B 26 -14.48 3.71 -12.69
N ARG B 27 -14.51 3.24 -11.45
CA ARG B 27 -15.63 3.56 -10.56
C ARG B 27 -15.15 4.20 -9.28
N VAL B 28 -13.99 4.85 -9.31
CA VAL B 28 -13.42 5.44 -8.10
C VAL B 28 -14.42 6.40 -7.45
N ALA B 29 -15.20 7.10 -8.26
CA ALA B 29 -16.21 8.01 -7.74
C ALA B 29 -17.20 7.31 -6.82
N VAL B 30 -17.74 6.19 -7.26
CA VAL B 30 -18.70 5.46 -6.43
C VAL B 30 -17.98 4.82 -5.25
N MET B 31 -16.76 4.34 -5.47
CA MET B 31 -15.95 3.78 -4.38
C MET B 31 -15.83 4.76 -3.22
N ILE B 32 -15.53 6.02 -3.56
CA ILE B 32 -15.39 7.09 -2.58
C ILE B 32 -16.66 7.24 -1.75
N VAL B 33 -17.82 7.27 -2.40
CA VAL B 33 -19.07 7.45 -1.70
C VAL B 33 -19.42 6.21 -0.86
N ALA B 34 -19.12 5.04 -1.39
CA ALA B 34 -19.40 3.79 -0.70
C ALA B 34 -18.58 3.67 0.58
N LEU B 35 -17.30 4.01 0.51
CA LEU B 35 -16.45 3.94 1.69
C LEU B 35 -16.83 4.96 2.76
N GLN B 36 -17.11 6.20 2.35
CA GLN B 36 -17.37 7.26 3.31
C GLN B 36 -18.77 7.22 3.94
N GLN B 37 -19.78 6.75 3.21
CA GLN B 37 -21.15 6.79 3.75
C GLN B 37 -22.13 5.72 3.24
N ARG B 38 -21.76 4.96 2.22
CA ARG B 38 -22.71 3.99 1.66
C ARG B 38 -22.10 2.63 1.36
N PRO B 39 -21.81 1.84 2.41
CA PRO B 39 -21.13 0.56 2.20
C PRO B 39 -21.96 -0.42 1.38
N ASP B 40 -23.25 -0.15 1.23
CA ASP B 40 -24.09 -1.00 0.39
C ASP B 40 -23.73 -0.80 -1.08
N LEU B 41 -22.96 0.24 -1.36
CA LEU B 41 -22.54 0.51 -2.72
C LEU B 41 -21.16 -0.04 -3.03
N LEU B 42 -20.58 -0.80 -2.11
CA LEU B 42 -19.23 -1.33 -2.32
C LEU B 42 -19.19 -2.22 -3.56
N TRP B 43 -20.20 -3.07 -3.73
CA TRP B 43 -20.26 -3.96 -4.87
C TRP B 43 -20.32 -3.16 -6.18
N GLU B 44 -21.14 -2.11 -6.21
CA GLU B 44 -21.19 -1.23 -7.39
C GLU B 44 -19.88 -0.47 -7.59
N GLY B 45 -19.26 -0.04 -6.49
CA GLY B 45 -18.03 0.73 -6.57
C GLY B 45 -16.83 -0.08 -7.03
N THR B 46 -17.02 -1.39 -7.09
CA THR B 46 -16.00 -2.28 -7.63
C THR B 46 -16.46 -2.93 -8.93
N ARG B 47 -17.62 -2.51 -9.44
CA ARG B 47 -18.12 -3.05 -10.71
C ARG B 47 -17.40 -2.39 -11.89
N ASP B 48 -16.20 -2.87 -12.16
CA ASP B 48 -15.30 -2.29 -13.18
C ASP B 48 -15.55 -2.82 -14.56
N ARG B 49 -16.24 -3.95 -14.66
CA ARG B 49 -16.54 -4.53 -15.96
C ARG B 49 -18.04 -4.61 -16.17
N LEU B 50 -18.47 -4.03 -17.27
CA LEU B 50 -19.88 -3.98 -17.62
C LEU B 50 -20.23 -5.13 -18.55
N HIS B 51 -21.50 -5.52 -18.60
CA HIS B 51 -21.92 -6.58 -19.50
C HIS B 51 -22.44 -5.96 -20.79
N GLN B 52 -22.78 -4.68 -20.72
CA GLN B 52 -23.13 -3.91 -21.89
C GLN B 52 -22.10 -2.79 -22.05
N PRO B 53 -21.59 -2.61 -23.27
CA PRO B 53 -20.55 -1.62 -23.57
C PRO B 53 -20.96 -0.18 -23.22
N TYR B 54 -20.02 0.59 -22.69
CA TYR B 54 -20.26 1.99 -22.38
C TYR B 54 -19.82 2.88 -23.54
N ARG B 55 -20.73 3.72 -24.04
CA ARG B 55 -20.38 4.66 -25.10
C ARG B 55 -20.19 6.06 -24.55
N LEU C 6 -6.63 -11.30 -13.80
CA LEU C 6 -7.17 -10.27 -14.67
C LEU C 6 -7.93 -10.88 -15.85
N THR C 7 -9.17 -11.35 -15.62
CA THR C 7 -9.81 -11.34 -14.31
C THR C 7 -9.55 -12.65 -13.54
N SER C 8 -9.25 -12.54 -12.25
CA SER C 8 -9.03 -13.72 -11.42
C SER C 8 -10.31 -14.55 -11.32
N GLU C 9 -10.13 -15.85 -11.15
CA GLU C 9 -11.27 -16.76 -11.05
C GLU C 9 -12.02 -16.53 -9.74
N TRP C 10 -11.29 -16.17 -8.70
CA TRP C 10 -11.90 -15.96 -7.39
C TRP C 10 -12.70 -14.67 -7.31
N VAL C 11 -12.27 -13.66 -8.08
CA VAL C 11 -12.98 -12.39 -8.09
C VAL C 11 -14.40 -12.60 -8.58
N ASN C 12 -14.53 -13.17 -9.78
CA ASN C 12 -15.83 -13.38 -10.40
C ASN C 12 -16.74 -14.28 -9.57
N ARG C 13 -16.20 -15.37 -9.05
CA ARG C 13 -17.01 -16.32 -8.27
C ARG C 13 -17.49 -15.65 -6.99
N LEU C 14 -16.66 -14.77 -6.43
CA LEU C 14 -17.08 -14.01 -5.26
C LEU C 14 -18.09 -12.92 -5.63
N ARG C 15 -17.91 -12.29 -6.77
CA ARG C 15 -18.85 -11.24 -7.20
C ARG C 15 -20.19 -11.83 -7.58
N ASN C 16 -20.18 -12.96 -8.28
CA ASN C 16 -21.42 -13.61 -8.74
C ASN C 16 -22.22 -14.16 -7.57
N ARG C 17 -21.72 -13.95 -6.36
CA ARG C 17 -22.44 -14.31 -5.15
C ARG C 17 -22.60 -13.11 -4.23
N GLY C 18 -22.42 -11.91 -4.79
CA GLY C 18 -22.72 -10.69 -4.06
C GLY C 18 -21.60 -10.00 -3.30
N TYR C 19 -20.39 -10.57 -3.29
CA TYR C 19 -19.29 -9.96 -2.54
C TYR C 19 -18.55 -8.91 -3.37
N ALA C 20 -18.30 -7.77 -2.76
CA ALA C 20 -17.59 -6.69 -3.43
C ALA C 20 -16.11 -7.04 -3.56
N ALA C 21 -15.80 -7.92 -4.51
CA ALA C 21 -14.43 -8.38 -4.70
C ALA C 21 -13.76 -7.71 -5.89
N TYR C 22 -12.45 -7.53 -5.81
CA TYR C 22 -11.67 -6.93 -6.90
C TYR C 22 -10.24 -7.43 -6.81
N LEU C 23 -9.49 -7.39 -7.91
CA LEU C 23 -8.07 -7.77 -7.85
C LEU C 23 -7.23 -6.69 -7.18
N SER C 24 -6.43 -7.07 -6.18
CA SER C 24 -5.62 -6.09 -5.47
C SER C 24 -4.37 -5.79 -6.26
N GLY C 25 -4.22 -4.53 -6.66
CA GLY C 25 -3.12 -4.09 -7.48
C GLY C 25 -2.84 -5.00 -8.66
N ALA C 26 -1.59 -5.48 -8.73
CA ALA C 26 -1.17 -6.38 -9.79
C ALA C 26 -1.72 -7.79 -9.60
N GLY C 27 -2.29 -8.08 -8.44
CA GLY C 27 -2.77 -9.41 -8.13
C GLY C 27 -1.59 -10.27 -7.71
N PRO C 28 -1.80 -11.59 -7.58
CA PRO C 28 -3.04 -12.33 -7.83
C PRO C 28 -4.07 -12.29 -6.69
N THR C 29 -3.79 -11.57 -5.60
CA THR C 29 -4.70 -11.49 -4.48
C THR C 29 -6.05 -10.91 -4.86
N ALA C 30 -7.13 -11.52 -4.38
CA ALA C 30 -8.48 -10.95 -4.48
C ALA C 30 -8.81 -10.28 -3.15
N MET C 31 -9.35 -9.07 -3.22
CA MET C 31 -9.72 -8.36 -2.02
C MET C 31 -11.23 -8.21 -1.94
N VAL C 32 -11.79 -8.46 -0.76
CA VAL C 32 -13.22 -8.29 -0.56
C VAL C 32 -13.46 -7.21 0.48
N LEU C 33 -14.30 -6.23 0.15
CA LEU C 33 -14.68 -5.22 1.12
C LEU C 33 -16.11 -5.52 1.54
N SER C 34 -16.42 -5.33 2.82
N SER C 34 -16.41 -5.32 2.83
CA SER C 34 -17.76 -5.60 3.34
CA SER C 34 -17.73 -5.65 3.36
C SER C 34 -17.96 -5.01 4.72
C SER C 34 -17.94 -5.03 4.73
N THR C 35 -19.17 -5.14 5.25
CA THR C 35 -19.46 -4.70 6.61
C THR C 35 -19.75 -5.92 7.46
N GLU C 36 -19.90 -7.06 6.79
CA GLU C 36 -20.10 -8.33 7.46
C GLU C 36 -19.05 -9.33 6.97
N PRO C 37 -18.54 -10.19 7.87
CA PRO C 37 -17.49 -11.15 7.47
C PRO C 37 -17.98 -12.14 6.42
N ILE C 38 -17.04 -12.64 5.62
CA ILE C 38 -17.38 -13.64 4.63
C ILE C 38 -17.58 -14.98 5.35
N PRO C 39 -18.69 -15.66 5.06
CA PRO C 39 -18.97 -17.01 5.60
C PRO C 39 -17.74 -17.92 5.60
N ASP C 40 -17.47 -18.58 6.72
CA ASP C 40 -16.30 -19.45 6.86
C ASP C 40 -16.21 -20.48 5.74
N LYS C 41 -17.37 -20.96 5.30
CA LYS C 41 -17.39 -21.98 4.27
C LYS C 41 -16.82 -21.47 2.96
N VAL C 42 -16.99 -20.18 2.70
CA VAL C 42 -16.36 -19.57 1.54
C VAL C 42 -14.86 -19.50 1.76
N LEU C 43 -14.46 -19.08 2.96
CA LEU C 43 -13.05 -18.94 3.30
C LEU C 43 -12.33 -20.29 3.34
N GLU C 44 -12.94 -21.27 4.00
CA GLU C 44 -12.31 -22.57 4.16
C GLU C 44 -12.29 -23.34 2.84
N ASP C 45 -13.23 -23.03 1.96
CA ASP C 45 -13.24 -23.60 0.62
C ASP C 45 -12.00 -23.15 -0.13
N ALA C 46 -11.73 -21.85 -0.08
CA ALA C 46 -10.58 -21.27 -0.78
C ALA C 46 -9.26 -21.68 -0.11
N ARG C 47 -9.29 -21.84 1.21
CA ARG C 47 -8.09 -22.23 1.94
C ARG C 47 -7.53 -23.56 1.48
N GLU C 48 -8.43 -24.44 1.02
CA GLU C 48 -8.04 -25.78 0.62
C GLU C 48 -7.60 -25.83 -0.85
N SER C 49 -7.69 -24.71 -1.54
CA SER C 49 -7.09 -24.60 -2.87
C SER C 49 -5.71 -23.95 -2.75
N GLY C 50 -5.40 -23.43 -1.57
CA GLY C 50 -4.07 -22.91 -1.31
C GLY C 50 -4.02 -21.45 -0.88
N ILE C 51 -5.15 -20.77 -0.98
CA ILE C 51 -5.23 -19.35 -0.62
C ILE C 51 -5.03 -19.14 0.89
N LYS C 52 -4.27 -18.12 1.26
CA LYS C 52 -4.18 -17.69 2.66
C LYS C 52 -5.12 -16.50 2.91
N VAL C 53 -6.04 -16.66 3.85
CA VAL C 53 -7.05 -15.64 4.11
C VAL C 53 -6.60 -14.69 5.22
N LEU C 54 -6.60 -13.41 4.91
CA LEU C 54 -6.28 -12.38 5.88
C LEU C 54 -7.51 -11.54 6.18
N GLU C 55 -7.98 -11.57 7.42
CA GLU C 55 -9.11 -10.73 7.80
C GLU C 55 -8.61 -9.42 8.40
N LEU C 56 -8.68 -8.36 7.60
CA LEU C 56 -8.02 -7.10 7.91
C LEU C 56 -8.98 -5.94 8.19
N GLU C 57 -8.44 -4.90 8.81
CA GLU C 57 -9.13 -3.62 9.02
C GLU C 57 -8.44 -2.55 8.21
N VAL C 58 -9.10 -1.41 8.06
CA VAL C 58 -8.44 -0.23 7.51
C VAL C 58 -7.45 0.29 8.54
N ALA C 59 -6.19 0.46 8.10
CA ALA C 59 -5.12 0.87 8.98
C ALA C 59 -4.96 2.39 9.07
N GLY C 60 -4.23 2.82 10.10
CA GLY C 60 -3.82 4.21 10.25
C GLY C 60 -2.55 4.50 9.47
N PRO C 61 -2.00 5.71 9.63
CA PRO C 61 -0.80 6.09 8.88
C PRO C 61 0.43 5.36 9.39
N VAL C 62 1.52 5.49 8.65
CA VAL C 62 2.81 5.00 9.10
C VAL C 62 3.10 5.59 10.47
N LYS C 63 3.65 4.76 11.36
CA LYS C 63 4.01 5.18 12.71
C LYS C 63 5.52 5.15 12.86
N VAL C 64 6.09 6.23 13.39
CA VAL C 64 7.50 6.27 13.79
C VAL C 64 7.60 6.52 15.29
N GLU C 65 8.34 5.68 16.00
CA GLU C 65 8.58 5.91 17.41
C GLU C 65 10.07 5.96 17.70
N VAL C 66 10.48 6.98 18.47
CA VAL C 66 11.89 7.15 18.83
C VAL C 66 12.22 6.45 20.16
N ASN C 67 13.22 5.58 20.12
CA ASN C 67 13.56 4.77 21.29
C ASN C 67 14.79 5.28 22.04
P PO4 D . 4.30 -5.50 -4.18
O1 PO4 D . 5.41 -4.66 -3.64
O2 PO4 D . 3.65 -6.26 -3.04
O3 PO4 D . 4.85 -6.43 -5.22
O4 PO4 D . 3.22 -4.65 -4.80
#